data_2PYU
#
_entry.id   2PYU
#
_cell.length_a   77.941
_cell.length_b   77.941
_cell.length_c   81.073
_cell.angle_alpha   90.00
_cell.angle_beta   90.00
_cell.angle_gamma   90.00
#
_symmetry.space_group_name_H-M   'P 43 21 2'
#
loop_
_entity.id
_entity.type
_entity.pdbx_description
1 polymer 'Inosine Triphosphate Pyrophosphatase RdgB'
2 non-polymer 'INOSINIC ACID'
3 non-polymer 1,2-ETHANEDIOL
4 water water
#
_entity_poly.entity_id   1
_entity_poly.type   'polypeptide(L)'
_entity_poly.pdbx_seq_one_letter_code
;MGSSHHHHHHSSGLVPRGSHMQKVVLATGNVGKVRELASLLSDFGLDIVAQTDLGVDSAEETGLTFIENAILKARHAAKV
TALPAIADASGLAVDVLGGAPGIYSARYSGEDATDQKNLQKLLETMKDVPDDQRQARFHCVLVYLRHAEDPTPLVCHGSW
PGVITREPAGTGGFGYDPIFFVPSEGKTAAELTREEKSAISHRGQALKLLLDALRNGGS
;
_entity_poly.pdbx_strand_id   A
#
# COMPACT_ATOMS: atom_id res chain seq x y z
N HIS A 9 6.86 17.59 -13.63
CA HIS A 9 8.07 16.86 -13.13
C HIS A 9 7.86 16.54 -11.65
N HIS A 10 7.35 17.58 -10.98
N HIS A 10 7.35 17.54 -10.93
CA HIS A 10 6.44 17.59 -9.81
CA HIS A 10 6.62 17.48 -9.61
C HIS A 10 6.82 18.73 -8.89
C HIS A 10 6.83 18.84 -8.99
N SER A 11 5.81 19.39 -8.35
CA SER A 11 5.98 20.73 -7.82
C SER A 11 6.70 20.84 -6.46
N SER A 12 6.94 22.09 -6.06
CA SER A 12 7.64 22.46 -4.85
C SER A 12 6.93 22.06 -3.53
N GLY A 13 7.75 21.83 -2.50
CA GLY A 13 7.26 21.59 -1.13
C GLY A 13 7.21 20.12 -0.75
N LEU A 14 7.86 19.27 -1.56
CA LEU A 14 7.94 17.87 -1.18
C LEU A 14 9.23 17.51 -0.43
N VAL A 15 10.26 18.29 -0.68
CA VAL A 15 11.49 18.23 0.08
C VAL A 15 11.92 19.65 0.55
N PRO A 16 12.68 19.70 1.67
CA PRO A 16 13.11 21.01 2.11
C PRO A 16 14.34 21.47 1.27
N ARG A 17 14.39 22.79 1.11
CA ARG A 17 15.47 23.51 0.41
C ARG A 17 16.28 24.53 1.27
N GLY A 18 17.21 24.08 2.12
CA GLY A 18 17.32 22.70 2.50
C GLY A 18 18.40 22.24 3.45
N SER A 19 18.72 22.95 4.54
CA SER A 19 19.56 22.27 5.58
C SER A 19 18.73 21.63 6.73
N HIS A 20 17.66 22.35 7.07
CA HIS A 20 16.58 21.88 7.98
C HIS A 20 15.85 20.60 7.46
N MET A 21 15.13 19.96 8.37
CA MET A 21 14.25 18.85 8.04
C MET A 21 12.84 19.39 7.80
N GLN A 22 12.03 18.69 6.98
CA GLN A 22 10.61 19.01 6.92
C GLN A 22 9.88 17.84 7.61
N LYS A 23 9.10 18.15 8.63
CA LYS A 23 8.26 17.04 9.22
C LYS A 23 7.06 16.70 8.35
N VAL A 24 6.84 15.40 8.14
CA VAL A 24 5.76 14.91 7.28
C VAL A 24 5.08 13.73 8.08
N VAL A 25 3.75 13.78 8.20
CA VAL A 25 3.03 12.77 8.97
C VAL A 25 2.75 11.63 7.98
N LEU A 26 3.09 10.41 8.34
CA LEU A 26 2.68 9.25 7.62
C LEU A 26 1.32 8.78 8.15
N ALA A 27 0.31 8.58 7.26
CA ALA A 27 -1.08 8.22 7.67
C ALA A 27 -1.28 6.75 8.16
N THR A 28 -0.58 6.37 9.21
CA THR A 28 -0.65 5.00 9.76
C THR A 28 -0.10 5.18 11.17
N GLY A 29 -0.36 4.24 12.07
CA GLY A 29 0.42 4.17 13.31
C GLY A 29 1.30 2.95 13.23
N ASN A 30 1.31 2.29 12.09
CA ASN A 30 2.14 1.13 11.99
C ASN A 30 3.62 1.44 12.11
N VAL A 31 4.23 1.00 13.21
CA VAL A 31 5.66 1.31 13.43
C VAL A 31 6.65 0.76 12.34
N GLY A 32 6.42 -0.44 11.83
CA GLY A 32 7.23 -1.02 10.73
C GLY A 32 7.23 -0.14 9.45
N LYS A 33 6.02 0.21 8.97
CA LYS A 33 5.90 1.16 7.84
C LYS A 33 6.57 2.49 8.12
N VAL A 34 6.39 3.02 9.32
CA VAL A 34 7.02 4.30 9.72
C VAL A 34 8.56 4.24 9.78
N ARG A 35 9.09 3.19 10.41
CA ARG A 35 10.53 2.92 10.38
C ARG A 35 11.11 2.80 8.97
N GLU A 36 10.45 2.05 8.11
CA GLU A 36 10.87 1.86 6.73
C GLU A 36 10.89 3.18 5.95
N LEU A 37 9.81 3.93 6.03
CA LEU A 37 9.73 5.15 5.29
C LEU A 37 10.62 6.27 5.89
N ALA A 38 10.60 6.43 7.21
CA ALA A 38 11.41 7.46 7.83
C ALA A 38 12.90 7.28 7.41
N SER A 39 13.33 6.03 7.40
CA SER A 39 14.67 5.61 7.06
C SER A 39 15.02 5.88 5.61
N LEU A 40 14.08 5.69 4.68
CA LEU A 40 14.31 5.95 3.25
C LEU A 40 14.37 7.41 2.90
N LEU A 41 13.57 8.21 3.60
CA LEU A 41 13.31 9.65 3.25
C LEU A 41 14.15 10.63 4.06
N SER A 42 14.70 10.08 5.14
CA SER A 42 15.62 10.75 6.00
C SER A 42 16.61 11.60 5.19
N ASP A 43 17.28 10.91 4.26
CA ASP A 43 18.32 11.50 3.44
C ASP A 43 17.80 12.65 2.59
N PHE A 44 16.51 12.68 2.26
CA PHE A 44 15.95 13.75 1.48
C PHE A 44 15.57 14.91 2.37
N GLY A 45 15.86 14.79 3.68
CA GLY A 45 15.47 15.87 4.60
C GLY A 45 14.07 15.80 5.18
N LEU A 46 13.45 14.62 5.09
CA LEU A 46 12.04 14.46 5.54
C LEU A 46 12.07 13.77 6.88
N ASP A 47 11.36 14.38 7.83
CA ASP A 47 11.27 13.88 9.19
C ASP A 47 9.90 13.19 9.30
N ILE A 48 9.86 11.88 9.15
CA ILE A 48 8.59 11.16 9.01
C ILE A 48 8.04 10.75 10.39
N VAL A 49 6.76 11.04 10.68
CA VAL A 49 6.21 10.79 11.99
C VAL A 49 4.87 10.12 11.80
N ALA A 50 4.59 9.09 12.59
CA ALA A 50 3.31 8.44 12.55
C ALA A 50 2.18 9.39 12.92
N GLN A 51 1.04 9.26 12.26
CA GLN A 51 -0.08 10.14 12.57
C GLN A 51 -0.59 9.89 14.02
N THR A 52 -0.37 8.69 14.50
CA THR A 52 -0.78 8.32 15.86
C THR A 52 0.00 9.11 16.89
N ASP A 53 1.30 9.34 16.69
CA ASP A 53 2.08 10.26 17.61
C ASP A 53 1.48 11.62 17.74
N LEU A 54 0.83 12.07 16.68
CA LEU A 54 0.22 13.43 16.68
C LEU A 54 -1.27 13.43 17.02
N GLY A 55 -1.74 12.29 17.53
CA GLY A 55 -3.11 12.20 17.97
C GLY A 55 -4.15 12.06 16.88
N VAL A 56 -3.74 11.69 15.68
CA VAL A 56 -4.71 11.52 14.59
C VAL A 56 -5.49 10.18 14.72
N ASP A 57 -6.82 10.22 14.77
CA ASP A 57 -7.60 8.96 14.63
C ASP A 57 -7.72 8.47 13.19
N SER A 58 -8.06 7.20 13.02
CA SER A 58 -8.31 6.63 11.66
C SER A 58 -9.36 7.39 10.94
N ALA A 59 -9.09 7.66 9.67
CA ALA A 59 -10.07 8.13 8.70
C ALA A 59 -10.91 6.97 8.21
N GLU A 60 -12.14 7.29 7.94
CA GLU A 60 -13.08 6.46 7.25
C GLU A 60 -12.73 6.26 5.79
N GLU A 61 -12.45 5.02 5.41
CA GLU A 61 -12.06 4.79 4.02
C GLU A 61 -13.28 4.56 3.15
N THR A 62 -13.73 5.64 2.58
CA THR A 62 -14.99 5.81 1.85
C THR A 62 -14.81 5.79 0.31
N GLY A 63 -13.57 5.69 -0.17
CA GLY A 63 -13.34 5.78 -1.60
C GLY A 63 -13.51 4.44 -2.30
N LEU A 64 -13.69 4.48 -3.61
CA LEU A 64 -13.93 3.24 -4.31
C LEU A 64 -12.70 2.72 -5.09
N THR A 65 -11.58 3.43 -4.95
CA THR A 65 -10.29 3.10 -5.54
C THR A 65 -9.16 3.25 -4.50
N PHE A 66 -8.05 2.58 -4.71
CA PHE A 66 -6.89 2.72 -3.85
C PHE A 66 -6.45 4.17 -3.86
N ILE A 67 -6.38 4.78 -5.05
CA ILE A 67 -5.93 6.18 -5.08
C ILE A 67 -6.90 7.04 -4.21
N GLU A 68 -8.21 6.87 -4.35
CA GLU A 68 -9.13 7.75 -3.55
C GLU A 68 -8.93 7.54 -2.03
N ASN A 69 -8.83 6.29 -1.62
CA ASN A 69 -8.56 6.01 -0.19
C ASN A 69 -7.22 6.59 0.31
N ALA A 70 -6.13 6.49 -0.49
CA ALA A 70 -4.83 6.96 -0.07
C ALA A 70 -4.88 8.45 0.07
N ILE A 71 -5.58 9.08 -0.87
CA ILE A 71 -5.72 10.52 -0.78
C ILE A 71 -6.57 10.93 0.42
N LEU A 72 -7.65 10.21 0.65
CA LEU A 72 -8.52 10.56 1.79
C LEU A 72 -7.74 10.46 3.08
N LYS A 73 -6.90 9.42 3.18
CA LYS A 73 -6.18 9.23 4.44
C LYS A 73 -5.12 10.31 4.64
N ALA A 74 -4.48 10.70 3.55
CA ALA A 74 -3.40 11.61 3.62
C ALA A 74 -4.01 12.94 4.01
N ARG A 75 -5.13 13.30 3.36
CA ARG A 75 -5.84 14.60 3.62
C ARG A 75 -6.29 14.76 5.08
N HIS A 76 -6.83 13.68 5.66
CA HIS A 76 -7.26 13.71 7.05
C HIS A 76 -6.04 13.96 7.95
N ALA A 77 -4.98 13.18 7.81
CA ALA A 77 -3.80 13.45 8.62
C ALA A 77 -3.27 14.90 8.45
N ALA A 78 -3.20 15.38 7.20
CA ALA A 78 -2.63 16.71 6.95
C ALA A 78 -3.57 17.71 7.62
N LYS A 79 -4.87 17.47 7.55
CA LYS A 79 -5.86 18.48 8.06
C LYS A 79 -5.77 18.57 9.58
N VAL A 80 -5.57 17.45 10.24
CA VAL A 80 -5.54 17.41 11.73
C VAL A 80 -4.19 17.87 12.31
N THR A 81 -3.08 17.71 11.55
CA THR A 81 -1.71 18.03 12.02
C THR A 81 -1.18 19.37 11.45
N ALA A 82 -1.77 19.81 10.33
CA ALA A 82 -1.26 20.97 9.54
C ALA A 82 0.12 20.71 8.98
N LEU A 83 0.44 19.42 8.78
CA LEU A 83 1.66 19.00 8.14
C LEU A 83 1.37 18.42 6.77
N PRO A 84 2.37 18.40 5.91
CA PRO A 84 2.29 17.65 4.68
C PRO A 84 2.14 16.19 5.07
N ALA A 85 1.53 15.38 4.20
CA ALA A 85 1.15 13.98 4.63
C ALA A 85 1.39 12.99 3.53
N ILE A 86 1.90 11.80 3.90
CA ILE A 86 2.03 10.65 3.02
C ILE A 86 1.02 9.59 3.48
N ALA A 87 0.31 8.95 2.54
CA ALA A 87 -0.52 7.75 2.86
C ALA A 87 -0.36 6.70 1.77
N ASP A 88 -0.74 5.46 2.12
CA ASP A 88 -0.72 4.38 1.14
C ASP A 88 -2.12 3.80 1.18
N ALA A 89 -2.46 3.07 0.12
CA ALA A 89 -3.67 2.22 0.14
C ALA A 89 -3.21 1.00 -0.72
N SER A 90 -3.51 -0.20 -0.28
CA SER A 90 -3.02 -1.41 -0.92
C SER A 90 -4.15 -2.48 -0.90
N GLY A 91 -4.03 -3.49 -1.76
CA GLY A 91 -5.02 -4.58 -1.74
C GLY A 91 -4.70 -5.47 -2.92
N LEU A 92 -5.57 -6.47 -3.09
CA LEU A 92 -5.43 -7.48 -4.08
C LEU A 92 -6.57 -7.26 -5.04
N ALA A 93 -6.29 -7.27 -6.37
CA ALA A 93 -7.34 -7.11 -7.39
C ALA A 93 -7.33 -8.25 -8.35
N VAL A 94 -8.40 -9.04 -8.41
CA VAL A 94 -8.47 -10.24 -9.27
C VAL A 94 -9.20 -9.95 -10.55
N ASP A 95 -8.58 -10.18 -11.72
CA ASP A 95 -9.15 -9.78 -12.99
C ASP A 95 -10.57 -10.33 -13.24
N VAL A 96 -10.71 -11.63 -13.11
CA VAL A 96 -12.00 -12.27 -13.37
C VAL A 96 -13.13 -11.76 -12.43
N LEU A 97 -12.76 -11.14 -11.28
CA LEU A 97 -13.74 -10.65 -10.33
C LEU A 97 -13.88 -9.19 -10.45
N GLY A 98 -13.49 -8.63 -11.60
CA GLY A 98 -13.52 -7.19 -11.85
C GLY A 98 -12.67 -6.31 -10.94
N GLY A 99 -11.64 -6.90 -10.34
CA GLY A 99 -10.78 -6.14 -9.45
C GLY A 99 -11.05 -6.40 -7.98
N ALA A 100 -12.05 -7.21 -7.63
CA ALA A 100 -12.29 -7.63 -6.25
C ALA A 100 -11.15 -8.52 -5.81
N PRO A 101 -10.89 -8.64 -4.49
CA PRO A 101 -11.50 -7.94 -3.33
C PRO A 101 -11.29 -6.42 -3.36
N GLY A 102 -10.18 -6.00 -3.96
CA GLY A 102 -10.05 -4.57 -4.26
C GLY A 102 -9.98 -3.75 -3.01
N ILE A 103 -10.72 -2.64 -2.94
CA ILE A 103 -10.75 -1.84 -1.73
C ILE A 103 -11.37 -2.53 -0.50
N TYR A 104 -11.97 -3.69 -0.71
CA TYR A 104 -12.50 -4.50 0.38
C TYR A 104 -11.52 -5.59 0.78
N SER A 105 -10.25 -5.52 0.33
CA SER A 105 -9.25 -6.54 0.64
C SER A 105 -9.21 -6.89 2.16
N ALA A 106 -9.12 -5.89 3.01
CA ALA A 106 -8.90 -6.13 4.48
C ALA A 106 -10.13 -6.69 5.19
N ARG A 107 -11.27 -6.43 4.58
CA ARG A 107 -12.58 -6.67 5.17
C ARG A 107 -13.40 -7.58 4.31
N TYR A 108 -12.72 -8.37 3.45
CA TYR A 108 -13.43 -9.11 2.36
C TYR A 108 -14.50 -10.07 2.91
N SER A 109 -14.21 -10.71 4.03
CA SER A 109 -15.16 -11.70 4.56
C SER A 109 -16.01 -11.08 5.66
N GLY A 110 -16.02 -9.76 5.68
CA GLY A 110 -16.92 -9.02 6.55
C GLY A 110 -16.41 -8.52 7.87
N GLU A 111 -17.35 -8.41 8.80
CA GLU A 111 -17.13 -7.93 10.15
C GLU A 111 -16.39 -9.08 10.79
N ASP A 112 -15.38 -8.81 11.59
CA ASP A 112 -14.60 -9.98 12.09
C ASP A 112 -13.82 -10.74 10.97
N ALA A 113 -13.48 -10.04 9.89
CA ALA A 113 -12.59 -10.59 8.87
C ALA A 113 -11.25 -10.93 9.55
N THR A 114 -10.60 -12.01 9.14
CA THR A 114 -9.20 -12.20 9.49
C THR A 114 -8.52 -12.53 8.17
N ASP A 115 -7.18 -12.48 8.07
CA ASP A 115 -6.44 -12.90 6.84
C ASP A 115 -6.93 -14.23 6.28
N GLN A 116 -7.01 -15.20 7.16
CA GLN A 116 -7.36 -16.55 6.76
C GLN A 116 -8.77 -16.63 6.23
N LYS A 117 -9.70 -16.00 6.92
CA LYS A 117 -11.05 -16.08 6.45
C LYS A 117 -11.19 -15.30 5.13
N ASN A 118 -10.51 -14.18 5.03
CA ASN A 118 -10.44 -13.44 3.73
C ASN A 118 -9.96 -14.32 2.57
N LEU A 119 -8.77 -14.91 2.75
CA LEU A 119 -8.24 -15.81 1.71
C LEU A 119 -9.13 -16.99 1.43
N GLN A 120 -9.67 -17.60 2.49
CA GLN A 120 -10.52 -18.77 2.31
C GLN A 120 -11.72 -18.35 1.49
N LYS A 121 -12.28 -17.15 1.74
CA LYS A 121 -13.41 -16.70 0.96
C LYS A 121 -13.08 -16.50 -0.55
N LEU A 122 -11.85 -16.02 -0.82
CA LEU A 122 -11.35 -15.78 -2.18
C LEU A 122 -11.24 -17.10 -2.93
N LEU A 123 -10.67 -18.13 -2.32
CA LEU A 123 -10.70 -19.50 -2.88
C LEU A 123 -12.10 -19.99 -3.18
N GLU A 124 -13.03 -19.82 -2.23
CA GLU A 124 -14.39 -20.23 -2.49
C GLU A 124 -14.98 -19.48 -3.69
N THR A 125 -14.82 -18.15 -3.71
CA THR A 125 -15.29 -17.32 -4.84
C THR A 125 -14.71 -17.72 -6.19
N MET A 126 -13.47 -18.19 -6.16
CA MET A 126 -12.74 -18.49 -7.41
C MET A 126 -12.69 -19.99 -7.75
N LYS A 127 -13.43 -20.82 -7.01
CA LYS A 127 -13.31 -22.29 -7.20
C LYS A 127 -13.68 -22.81 -8.59
N ASP A 128 -14.59 -22.16 -9.28
CA ASP A 128 -14.79 -22.59 -10.63
C ASP A 128 -14.09 -21.72 -11.68
N VAL A 129 -13.08 -20.94 -11.30
CA VAL A 129 -12.35 -20.18 -12.32
C VAL A 129 -11.31 -21.10 -13.01
N PRO A 130 -11.37 -21.24 -14.35
CA PRO A 130 -10.36 -22.00 -15.04
C PRO A 130 -8.94 -21.61 -14.61
N ASP A 131 -8.03 -22.59 -14.67
CA ASP A 131 -6.63 -22.42 -14.28
C ASP A 131 -5.92 -21.29 -14.99
N ASP A 132 -6.30 -21.02 -16.23
CA ASP A 132 -5.60 -19.96 -16.97
C ASP A 132 -6.26 -18.62 -16.86
N GLN A 133 -7.31 -18.50 -16.02
CA GLN A 133 -7.99 -17.19 -15.85
C GLN A 133 -7.90 -16.59 -14.45
N ARG A 134 -6.89 -16.99 -13.72
CA ARG A 134 -6.71 -16.64 -12.29
C ARG A 134 -5.70 -15.51 -12.01
N GLN A 135 -5.49 -14.69 -13.03
CA GLN A 135 -4.60 -13.50 -12.91
C GLN A 135 -5.06 -12.59 -11.79
N ALA A 136 -4.10 -11.99 -11.10
CA ALA A 136 -4.36 -10.99 -10.06
C ALA A 136 -3.15 -10.12 -9.89
N ARG A 137 -3.31 -8.92 -9.30
CA ARG A 137 -2.17 -8.11 -8.86
C ARG A 137 -2.38 -7.58 -7.45
N PHE A 138 -1.32 -7.44 -6.68
CA PHE A 138 -1.37 -6.62 -5.52
C PHE A 138 -1.05 -5.23 -6.00
N HIS A 139 -1.69 -4.23 -5.40
CA HIS A 139 -1.46 -2.83 -5.72
C HIS A 139 -1.06 -2.09 -4.48
N CYS A 140 -0.11 -1.14 -4.59
CA CYS A 140 0.18 -0.24 -3.52
C CYS A 140 0.18 1.18 -4.10
N VAL A 141 -0.70 2.02 -3.61
CA VAL A 141 -0.69 3.42 -4.04
C VAL A 141 -0.21 4.28 -2.89
N LEU A 142 0.88 4.99 -3.12
CA LEU A 142 1.36 6.01 -2.20
C LEU A 142 1.04 7.41 -2.71
N VAL A 143 0.62 8.29 -1.80
CA VAL A 143 0.35 9.65 -2.21
C VAL A 143 1.02 10.61 -1.26
N TYR A 144 1.38 11.80 -1.78
CA TYR A 144 2.03 12.80 -0.91
C TYR A 144 1.33 14.15 -1.16
N LEU A 145 0.64 14.64 -0.10
CA LEU A 145 -0.11 15.87 -0.17
C LEU A 145 0.69 16.95 0.54
N ARG A 146 0.86 18.12 -0.08
CA ARG A 146 1.57 19.24 0.60
C ARG A 146 0.76 19.86 1.75
N HIS A 147 -0.56 19.80 1.66
CA HIS A 147 -1.49 20.26 2.72
C HIS A 147 -2.82 19.75 2.34
N ALA A 148 -3.80 19.83 3.25
CA ALA A 148 -5.05 19.17 3.15
C ALA A 148 -5.80 19.48 1.85
N GLU A 149 -5.59 20.68 1.33
CA GLU A 149 -6.33 21.10 0.17
C GLU A 149 -5.44 21.15 -1.09
N ASP A 150 -4.25 20.50 -1.05
CA ASP A 150 -3.34 20.50 -2.19
C ASP A 150 -4.09 19.78 -3.37
N PRO A 151 -4.27 20.44 -4.51
CA PRO A 151 -5.02 19.83 -5.64
C PRO A 151 -4.23 18.88 -6.48
N THR A 152 -2.91 18.79 -6.26
CA THR A 152 -2.03 18.02 -7.13
C THR A 152 -1.05 17.15 -6.33
N PRO A 153 -1.59 16.26 -5.51
CA PRO A 153 -0.68 15.35 -4.78
C PRO A 153 0.22 14.58 -5.73
N LEU A 154 1.42 14.25 -5.34
CA LEU A 154 2.23 13.26 -5.99
C LEU A 154 1.56 11.90 -5.71
N VAL A 155 1.59 11.02 -6.72
CA VAL A 155 0.87 9.74 -6.64
C VAL A 155 1.78 8.71 -7.25
N CYS A 156 2.08 7.64 -6.52
CA CYS A 156 3.03 6.61 -6.92
C CYS A 156 2.30 5.28 -6.84
N HIS A 157 2.19 4.55 -7.94
CA HIS A 157 1.33 3.38 -7.94
C HIS A 157 2.20 2.21 -8.31
N GLY A 158 2.46 1.31 -7.40
CA GLY A 158 3.22 0.10 -7.76
C GLY A 158 2.24 -1.07 -7.85
N SER A 159 2.54 -2.09 -8.62
CA SER A 159 1.68 -3.26 -8.73
C SER A 159 2.59 -4.48 -8.90
N TRP A 160 2.03 -5.66 -8.64
CA TRP A 160 2.81 -6.92 -8.68
C TRP A 160 1.87 -8.03 -9.12
N PRO A 161 2.06 -8.59 -10.34
CA PRO A 161 1.15 -9.60 -10.92
C PRO A 161 1.48 -11.01 -10.40
N GLY A 162 0.46 -11.86 -10.40
CA GLY A 162 0.61 -13.20 -9.87
C GLY A 162 -0.62 -13.95 -10.28
N VAL A 163 -0.79 -15.11 -9.71
CA VAL A 163 -1.93 -15.94 -10.05
C VAL A 163 -2.48 -16.53 -8.74
N ILE A 164 -3.80 -16.60 -8.68
CA ILE A 164 -4.39 -17.05 -7.42
C ILE A 164 -4.35 -18.61 -7.44
N THR A 165 -3.76 -19.20 -6.41
CA THR A 165 -3.71 -20.70 -6.27
C THR A 165 -5.08 -21.28 -5.95
N ARG A 166 -5.12 -22.60 -5.75
CA ARG A 166 -6.35 -23.29 -5.35
C ARG A 166 -6.26 -23.73 -3.91
N GLU A 167 -5.06 -23.72 -3.36
CA GLU A 167 -4.85 -24.02 -1.96
C GLU A 167 -3.78 -23.10 -1.43
N PRO A 168 -3.79 -22.80 -0.12
CA PRO A 168 -2.66 -22.12 0.48
C PRO A 168 -1.33 -22.89 0.55
N ALA A 169 -0.25 -22.13 0.38
CA ALA A 169 1.12 -22.65 0.47
C ALA A 169 1.98 -21.55 1.14
N GLY A 170 2.67 -21.89 2.24
CA GLY A 170 3.68 -21.01 2.84
C GLY A 170 3.13 -20.27 4.05
N THR A 171 3.99 -19.75 4.91
CA THR A 171 3.48 -19.13 6.14
C THR A 171 4.15 -17.78 6.44
N GLY A 172 5.03 -17.34 5.54
CA GLY A 172 5.57 -15.99 5.64
C GLY A 172 4.50 -14.96 5.25
N GLY A 173 4.86 -13.67 5.39
CA GLY A 173 4.00 -12.55 5.04
C GLY A 173 2.67 -12.52 5.73
N PHE A 174 1.64 -12.07 5.01
CA PHE A 174 0.34 -11.75 5.65
C PHE A 174 -0.73 -11.69 4.60
N GLY A 175 -1.98 -11.61 4.99
CA GLY A 175 -3.07 -11.36 4.06
C GLY A 175 -3.19 -12.48 3.07
N TYR A 176 -3.30 -12.16 1.77
CA TYR A 176 -3.52 -13.17 0.74
C TYR A 176 -2.24 -13.82 0.20
N ASP A 177 -1.09 -13.56 0.85
CA ASP A 177 0.21 -14.04 0.42
C ASP A 177 0.20 -15.56 0.15
N PRO A 178 -0.42 -16.35 1.07
CA PRO A 178 -0.45 -17.81 0.86
C PRO A 178 -1.17 -18.26 -0.39
N ILE A 179 -2.00 -17.40 -0.99
CA ILE A 179 -2.65 -17.87 -2.20
C ILE A 179 -2.23 -17.12 -3.46
N PHE A 180 -1.17 -16.31 -3.34
CA PHE A 180 -0.74 -15.45 -4.47
C PHE A 180 0.53 -16.09 -5.01
N PHE A 181 0.39 -16.85 -6.10
CA PHE A 181 1.49 -17.54 -6.70
C PHE A 181 2.21 -16.60 -7.66
N VAL A 182 3.54 -16.61 -7.58
CA VAL A 182 4.38 -15.70 -8.34
C VAL A 182 5.17 -16.51 -9.38
N PRO A 183 4.65 -16.61 -10.62
CA PRO A 183 5.32 -17.56 -11.52
C PRO A 183 6.81 -17.26 -11.72
N SER A 184 7.25 -16.00 -11.73
CA SER A 184 8.68 -15.73 -11.91
C SER A 184 9.51 -16.35 -10.80
N GLU A 185 8.91 -16.63 -9.62
CA GLU A 185 9.61 -17.20 -8.47
C GLU A 185 9.29 -18.67 -8.24
N GLY A 186 8.31 -19.21 -8.95
CA GLY A 186 7.92 -20.61 -8.74
C GLY A 186 7.43 -20.88 -7.30
N LYS A 187 6.99 -19.83 -6.59
CA LYS A 187 6.36 -19.99 -5.29
C LYS A 187 5.35 -18.87 -4.98
N THR A 188 4.57 -19.05 -3.91
CA THR A 188 3.62 -18.03 -3.45
C THR A 188 4.33 -16.92 -2.72
N ALA A 189 3.67 -15.76 -2.60
CA ALA A 189 4.22 -14.67 -1.77
C ALA A 189 4.59 -15.11 -0.33
N ALA A 190 3.79 -15.98 0.29
CA ALA A 190 4.12 -16.45 1.63
C ALA A 190 5.32 -17.44 1.70
N GLU A 191 5.78 -17.98 0.57
CA GLU A 191 6.99 -18.86 0.54
C GLU A 191 8.27 -18.06 0.32
N LEU A 192 8.10 -16.79 -0.04
CA LEU A 192 9.24 -15.92 -0.22
C LEU A 192 9.71 -15.54 1.16
N THR A 193 10.99 -15.20 1.29
CA THR A 193 11.47 -14.56 2.53
C THR A 193 11.03 -13.10 2.47
N ARG A 194 11.08 -12.41 3.60
CA ARG A 194 10.76 -10.99 3.70
C ARG A 194 11.64 -10.15 2.76
N GLU A 195 12.94 -10.46 2.69
CA GLU A 195 13.87 -9.77 1.78
C GLU A 195 13.58 -10.06 0.30
N GLU A 196 13.21 -11.31 0.02
CA GLU A 196 12.84 -11.68 -1.31
C GLU A 196 11.52 -11.01 -1.72
N LYS A 197 10.56 -10.94 -0.81
CA LYS A 197 9.25 -10.35 -1.16
C LYS A 197 9.48 -8.85 -1.35
N SER A 198 10.16 -8.23 -0.41
CA SER A 198 10.39 -6.77 -0.47
C SER A 198 11.01 -6.28 -1.75
N ALA A 199 11.94 -7.06 -2.29
CA ALA A 199 12.62 -6.75 -3.53
C ALA A 199 11.67 -6.68 -4.74
N ILE A 200 10.56 -7.39 -4.72
CA ILE A 200 9.73 -7.45 -5.95
C ILE A 200 8.26 -6.99 -5.74
N SER A 201 7.84 -6.66 -4.55
CA SER A 201 6.41 -6.49 -4.32
C SER A 201 5.89 -5.17 -4.80
N HIS A 202 4.55 -5.07 -4.81
CA HIS A 202 3.81 -3.83 -5.14
C HIS A 202 4.28 -2.69 -4.19
N ARG A 203 4.53 -3.02 -2.93
CA ARG A 203 5.01 -1.99 -2.01
C ARG A 203 6.49 -1.55 -2.34
N GLY A 204 7.36 -2.52 -2.61
CA GLY A 204 8.72 -2.27 -3.09
C GLY A 204 8.70 -1.34 -4.29
N GLN A 205 7.85 -1.64 -5.29
CA GLN A 205 7.73 -0.82 -6.49
C GLN A 205 7.30 0.61 -6.20
N ALA A 206 6.24 0.75 -5.39
CA ALA A 206 5.73 2.09 -5.07
C ALA A 206 6.78 2.95 -4.27
N LEU A 207 7.48 2.34 -3.32
CA LEU A 207 8.58 3.03 -2.64
C LEU A 207 9.70 3.48 -3.62
N LYS A 208 10.13 2.57 -4.49
CA LYS A 208 11.09 2.93 -5.53
C LYS A 208 10.62 4.10 -6.34
N LEU A 209 9.35 4.08 -6.73
CA LEU A 209 8.82 5.15 -7.55
C LEU A 209 8.84 6.50 -6.78
N LEU A 210 8.47 6.42 -5.50
CA LEU A 210 8.38 7.60 -4.65
C LEU A 210 9.77 8.18 -4.50
N LEU A 211 10.73 7.33 -4.15
CA LEU A 211 12.11 7.75 -3.85
C LEU A 211 12.70 8.35 -5.12
N ASP A 212 12.34 7.77 -6.25
CA ASP A 212 12.82 8.26 -7.49
C ASP A 212 12.12 9.54 -7.93
N ALA A 213 10.82 9.70 -7.64
CA ALA A 213 10.14 10.96 -7.93
C ALA A 213 10.60 12.13 -7.01
N LEU A 214 11.22 11.80 -5.89
CA LEU A 214 11.72 12.84 -5.03
C LEU A 214 13.22 13.10 -5.37
N ARG A 215 13.56 12.97 -6.67
CA ARG A 215 14.96 13.08 -7.18
C ARG A 215 15.23 13.67 -8.62
N ASN A 216 14.33 14.37 -9.32
CA ASN A 216 12.90 14.43 -9.12
C ASN A 216 12.15 14.18 -10.46
#